data_1D5X
#
_entry.id   1D5X
#
_cell.length_a   90.838
_cell.length_b   104.252
_cell.length_c   107.818
_cell.angle_alpha   90.00
_cell.angle_beta   90.00
_cell.angle_gamma   90.00
#
_symmetry.space_group_name_H-M   'P 21 21 21'
#
loop_
_entity.id
_entity.type
_entity.pdbx_description
1 polymer 'HLA CLASS II HISTOCOMPATIBILITY ANTIGEN'
2 polymer 'HLA CLASS II HISTOCOMPATIBILITY ANTIGEN'
3 polymer 'ENTEROTOXIN TYPE B'
4 polymer 'DIPEPTIDE MIMETIC INHIBITOR'
5 water water
#
loop_
_entity_poly.entity_id
_entity_poly.type
_entity_poly.pdbx_seq_one_letter_code
_entity_poly.pdbx_strand_id
1 'polypeptide(L)'
;IKEEHVIIQAEFYLNPDQSGEFMFDFDGDEIFHVDMAKKETVWRLEEFGRFASFEAQGALANIAVDKANLEIMTKRSNYT
PITNVPPEVTVLTNSPVELREPNVLICFIDKFTPPVVNVTWLRNGKPVTTGVSETVFLPREDHLFRKFHYLPFLPSTEDV
YDCRVEHWGLDEPLLKHWEFD
;
A
2 'polypeptide(L)'
;GDTRPRFLEQVKHECHFFNGTERVRFLDRYFYHQEEYVRFDSDVGEYRAVTELGRPDAEYWNSQKDLLEQKRAAVDTYCR
HNYGVGESFTVQRRVYPEVTVYPAKTQPLQHHNLLVCSVNGFYPGSIEVRWFRNGQEEKTGVVSTGLIQNGDWTFQTLVM
LETVPRSGEVYTCQVEHPSLTSPLTVEWRARS
;
B
3 'polypeptide(L)'
;ESQPDPKPDELHKSSKFTGLMENMKVLYDDNHVSAINVKSIDQFLYFDLIYSIKDTKLGNYDNVRVEFKNKDLADKYKDK
YVDVFGANYYYQCYFSKKTNDINSHQTDKRKTCMYGGVTEHNGNQLDKYRSITVRVFEDGKNLLSFDVQTNKKKVTAQEL
DYLTRHYLVKNKKLYEFNNSPYETGYIKFIENENSFWYDMMPAPGDKFDQSKYLMMYNDNKMVDSKDVKIEVYLTTKKK
;
C
4 'polypeptide(L)' (ACE)(ALC)R(MAA)(HAQ)(SEL) D
#
# COMPACT_ATOMS: atom_id res chain seq x y z
N GLU A 3 -24.77 -9.24 15.78
CA GLU A 3 -23.62 -9.29 14.82
C GLU A 3 -23.79 -8.34 13.72
N GLU A 4 -23.25 -7.19 13.99
CA GLU A 4 -23.28 -6.30 12.96
C GLU A 4 -21.94 -6.44 12.25
N HIS A 5 -21.84 -6.45 10.93
CA HIS A 5 -20.49 -6.41 10.29
C HIS A 5 -20.26 -5.07 9.58
N VAL A 6 -18.99 -4.62 9.49
CA VAL A 6 -18.64 -3.35 8.84
C VAL A 6 -17.34 -3.42 8.03
N ILE A 7 -17.44 -3.00 6.78
CA ILE A 7 -16.29 -2.92 5.87
C ILE A 7 -16.08 -1.45 5.56
N ILE A 8 -14.86 -0.97 5.74
CA ILE A 8 -14.55 0.42 5.49
C ILE A 8 -13.36 0.58 4.57
N GLN A 9 -13.52 1.49 3.62
CA GLN A 9 -12.44 1.83 2.69
C GLN A 9 -11.84 3.09 3.30
N ALA A 10 -10.70 2.93 3.93
CA ALA A 10 -10.04 4.04 4.61
C ALA A 10 -8.91 4.61 3.81
N GLU A 11 -8.74 5.92 3.91
CA GLU A 11 -7.63 6.56 3.19
C GLU A 11 -7.27 7.90 3.83
N PHE A 12 -6.10 8.42 3.47
CA PHE A 12 -5.67 9.71 3.97
C PHE A 12 -4.50 10.28 3.18
N TYR A 13 -4.28 11.57 3.35
CA TYR A 13 -3.20 12.25 2.65
C TYR A 13 -2.65 13.22 3.65
N LEU A 14 -1.32 13.23 3.77
CA LEU A 14 -0.72 14.06 4.78
C LEU A 14 0.24 15.08 4.25
N ASN A 15 -0.05 16.34 4.52
CA ASN A 15 0.89 17.39 4.12
C ASN A 15 1.64 17.77 5.39
N PRO A 16 2.90 18.16 5.27
CA PRO A 16 3.78 18.31 4.10
C PRO A 16 4.55 17.02 3.74
N ASP A 17 4.34 15.96 4.51
CA ASP A 17 5.00 14.70 4.22
C ASP A 17 4.74 14.15 2.84
N GLN A 18 3.60 14.54 2.29
CA GLN A 18 3.16 14.11 0.97
C GLN A 18 3.07 12.57 0.86
N SER A 19 2.52 11.95 1.89
CA SER A 19 2.39 10.51 1.91
C SER A 19 0.94 10.21 2.19
N GLY A 20 0.49 9.08 1.66
CA GLY A 20 -0.91 8.68 1.84
C GLY A 20 -1.08 7.21 2.11
N GLU A 21 -2.33 6.82 2.31
CA GLU A 21 -2.67 5.43 2.56
C GLU A 21 -4.04 5.16 2.02
N PHE A 22 -4.20 3.93 1.57
CA PHE A 22 -5.45 3.44 1.01
C PHE A 22 -5.53 2.01 1.49
N MET A 23 -6.57 1.67 2.23
CA MET A 23 -6.69 0.31 2.74
C MET A 23 -8.13 -0.09 2.98
N PHE A 24 -8.38 -1.41 2.99
CA PHE A 24 -9.73 -1.87 3.29
C PHE A 24 -9.71 -2.51 4.65
N ASP A 25 -10.76 -2.27 5.41
CA ASP A 25 -10.87 -2.81 6.76
C ASP A 25 -12.14 -3.61 6.95
N PHE A 26 -12.02 -4.73 7.67
CA PHE A 26 -13.17 -5.56 7.99
C PHE A 26 -13.17 -5.71 9.49
N ASP A 27 -14.23 -5.19 10.14
CA ASP A 27 -14.37 -5.26 11.60
C ASP A 27 -13.12 -4.92 12.40
N GLY A 28 -12.41 -3.86 11.98
CA GLY A 28 -11.25 -3.43 12.72
C GLY A 28 -9.95 -4.05 12.30
N ASP A 29 -10.01 -5.07 11.44
CA ASP A 29 -8.79 -5.71 10.88
C ASP A 29 -8.53 -5.29 9.42
N GLU A 30 -7.28 -5.28 9.00
CA GLU A 30 -6.91 -4.88 7.64
C GLU A 30 -7.02 -6.03 6.64
N ILE A 31 -7.79 -5.83 5.57
CA ILE A 31 -7.89 -6.87 4.55
C ILE A 31 -6.65 -6.66 3.67
N PHE A 32 -6.34 -5.41 3.34
CA PHE A 32 -5.17 -5.12 2.52
C PHE A 32 -5.05 -3.62 2.40
N HIS A 33 -3.90 -3.18 1.90
CA HIS A 33 -3.65 -1.77 1.64
C HIS A 33 -2.89 -1.66 0.34
N VAL A 34 -2.89 -0.47 -0.24
CA VAL A 34 -2.23 -0.31 -1.50
C VAL A 34 -0.89 0.36 -1.40
N ASP A 35 0.07 -0.19 -2.14
CA ASP A 35 1.41 0.33 -2.18
C ASP A 35 1.40 1.30 -3.36
N MET A 36 1.49 2.60 -3.06
CA MET A 36 1.44 3.66 -4.05
C MET A 36 2.59 3.67 -5.04
N ALA A 37 3.77 3.34 -4.55
CA ALA A 37 4.97 3.33 -5.38
C ALA A 37 4.98 2.17 -6.37
N LYS A 38 4.66 0.98 -5.89
CA LYS A 38 4.64 -0.19 -6.77
C LYS A 38 3.31 -0.45 -7.40
N LYS A 39 2.29 0.26 -6.93
CA LYS A 39 0.96 0.10 -7.47
C LYS A 39 0.54 -1.38 -7.43
N GLU A 40 0.75 -2.01 -6.28
CA GLU A 40 0.40 -3.43 -6.10
C GLU A 40 -0.46 -3.50 -4.86
N THR A 41 -1.34 -4.47 -4.78
CA THR A 41 -2.16 -4.60 -3.59
C THR A 41 -1.56 -5.64 -2.63
N VAL A 42 -1.20 -5.16 -1.44
CA VAL A 42 -0.59 -5.98 -0.40
C VAL A 42 -1.64 -6.54 0.54
N TRP A 43 -1.90 -7.84 0.42
CA TRP A 43 -2.90 -8.48 1.28
C TRP A 43 -2.35 -8.68 2.68
N ARG A 44 -3.18 -8.41 3.69
CA ARG A 44 -2.73 -8.58 5.08
C ARG A 44 -2.32 -10.05 5.27
N LEU A 45 -3.14 -10.97 4.73
CA LEU A 45 -2.82 -12.40 4.80
C LEU A 45 -2.66 -12.92 3.38
N GLU A 46 -1.63 -13.74 3.16
CA GLU A 46 -1.31 -14.33 1.86
C GLU A 46 -2.51 -14.98 1.17
N GLU A 47 -3.24 -15.78 1.94
CA GLU A 47 -4.39 -16.48 1.42
C GLU A 47 -5.47 -15.59 0.81
N PHE A 48 -5.69 -14.41 1.38
CA PHE A 48 -6.73 -13.50 0.86
C PHE A 48 -6.64 -13.26 -0.65
N GLY A 49 -5.42 -13.17 -1.19
CA GLY A 49 -5.26 -12.93 -2.61
C GLY A 49 -5.74 -14.09 -3.50
N ARG A 50 -5.84 -15.27 -2.91
CA ARG A 50 -6.29 -16.47 -3.59
C ARG A 50 -7.79 -16.39 -3.88
N PHE A 51 -8.55 -15.77 -2.97
CA PHE A 51 -10.01 -15.68 -3.12
C PHE A 51 -10.48 -14.32 -3.69
N ALA A 52 -9.58 -13.36 -3.81
CA ALA A 52 -9.99 -12.05 -4.33
C ALA A 52 -8.87 -11.24 -4.98
N SER A 53 -9.26 -10.12 -5.55
CA SER A 53 -8.30 -9.20 -6.17
C SER A 53 -8.87 -7.76 -6.08
N PHE A 54 -8.04 -6.80 -6.44
CA PHE A 54 -8.42 -5.41 -6.43
C PHE A 54 -7.54 -4.64 -7.41
N GLU A 55 -8.13 -3.80 -8.23
CA GLU A 55 -7.36 -3.03 -9.18
C GLU A 55 -6.59 -1.95 -8.38
N ALA A 56 -5.42 -2.32 -7.90
CA ALA A 56 -4.57 -1.44 -7.11
C ALA A 56 -4.38 0.00 -7.59
N GLN A 57 -4.33 0.22 -8.89
CA GLN A 57 -4.10 1.57 -9.41
C GLN A 57 -5.25 2.55 -9.26
N GLY A 58 -6.47 2.07 -9.35
CA GLY A 58 -7.62 2.96 -9.22
C GLY A 58 -7.50 3.77 -7.95
N ALA A 59 -6.88 3.18 -6.93
CA ALA A 59 -6.75 3.89 -5.67
C ALA A 59 -5.99 5.22 -5.77
N LEU A 60 -5.18 5.41 -6.78
CA LEU A 60 -4.45 6.65 -6.87
C LEU A 60 -5.40 7.78 -7.16
N ALA A 61 -6.46 7.49 -7.90
CA ALA A 61 -7.42 8.54 -8.19
C ALA A 61 -7.97 9.13 -6.88
N ASN A 62 -8.30 8.27 -5.93
CA ASN A 62 -8.82 8.71 -4.65
C ASN A 62 -7.82 9.57 -3.90
N ILE A 63 -6.59 9.09 -3.83
CA ILE A 63 -5.57 9.81 -3.12
C ILE A 63 -5.33 11.15 -3.79
N ALA A 64 -5.39 11.17 -5.13
CA ALA A 64 -5.16 12.41 -5.87
C ALA A 64 -6.23 13.44 -5.50
N VAL A 65 -7.47 13.00 -5.32
CA VAL A 65 -8.51 13.94 -4.96
C VAL A 65 -8.37 14.28 -3.47
N ASP A 66 -7.96 13.31 -2.64
CA ASP A 66 -7.85 13.61 -1.21
C ASP A 66 -6.81 14.70 -0.99
N LYS A 67 -5.81 14.77 -1.88
CA LYS A 67 -4.80 15.80 -1.77
C LYS A 67 -5.44 17.13 -2.16
N ALA A 68 -6.14 17.09 -3.30
CA ALA A 68 -6.84 18.25 -3.82
C ALA A 68 -7.71 18.88 -2.75
N ASN A 69 -8.49 18.06 -2.05
CA ASN A 69 -9.34 18.55 -0.98
C ASN A 69 -8.60 19.05 0.25
N LEU A 70 -7.46 18.45 0.57
CA LEU A 70 -6.68 18.91 1.71
C LEU A 70 -6.29 20.36 1.43
N GLU A 71 -5.93 20.66 0.19
CA GLU A 71 -5.60 22.01 -0.21
C GLU A 71 -6.76 22.94 0.16
N ILE A 72 -7.92 22.69 -0.46
CA ILE A 72 -9.12 23.46 -0.21
C ILE A 72 -9.44 23.53 1.27
N MET A 73 -9.51 22.37 1.90
CA MET A 73 -9.86 22.24 3.30
C MET A 73 -8.88 22.90 4.26
N THR A 74 -7.60 22.86 3.91
CA THR A 74 -6.59 23.44 4.77
C THR A 74 -6.64 24.98 4.71
N LYS A 75 -7.26 25.50 3.65
CA LYS A 75 -7.38 26.92 3.47
C LYS A 75 -8.69 27.49 4.00
N ARG A 76 -9.75 26.70 4.01
CA ARG A 76 -11.03 27.17 4.50
C ARG A 76 -10.96 27.31 6.00
N SER A 77 -10.07 26.54 6.63
CA SER A 77 -9.88 26.61 8.09
C SER A 77 -8.79 27.61 8.41
N ASN A 78 -8.27 28.26 7.38
CA ASN A 78 -7.18 29.21 7.55
C ASN A 78 -5.98 28.59 8.23
N TYR A 79 -5.45 27.55 7.59
CA TYR A 79 -4.24 26.88 8.04
C TYR A 79 -4.11 26.52 9.50
N THR A 80 -5.16 25.92 10.05
CA THR A 80 -5.14 25.45 11.43
C THR A 80 -4.50 24.07 11.34
N PRO A 81 -3.27 23.92 11.84
CA PRO A 81 -2.68 22.59 11.74
C PRO A 81 -3.34 21.57 12.67
N ILE A 82 -2.78 20.36 12.72
CA ILE A 82 -3.32 19.29 13.54
C ILE A 82 -2.63 19.21 14.92
N THR A 83 -3.41 18.97 15.96
CA THR A 83 -2.88 18.83 17.28
C THR A 83 -2.36 17.42 17.38
N ASN A 84 -1.10 17.31 17.76
CA ASN A 84 -0.47 16.02 17.90
C ASN A 84 -1.14 15.31 19.10
N VAL A 85 -1.12 13.99 19.06
CA VAL A 85 -1.70 13.18 20.12
C VAL A 85 -0.73 12.02 20.20
N PRO A 86 0.18 12.06 21.21
CA PRO A 86 1.17 10.99 21.38
C PRO A 86 0.45 9.66 21.61
N PRO A 87 1.09 8.56 21.21
CA PRO A 87 0.57 7.20 21.32
C PRO A 87 0.72 6.55 22.68
N GLU A 88 -0.23 5.66 22.95
CA GLU A 88 -0.25 4.81 24.11
C GLU A 88 0.35 3.51 23.61
N VAL A 89 1.53 3.21 24.11
CA VAL A 89 2.25 2.03 23.68
C VAL A 89 2.10 0.91 24.69
N THR A 90 1.95 -0.32 24.20
CA THR A 90 1.83 -1.50 25.06
C THR A 90 2.63 -2.63 24.43
N VAL A 91 3.13 -3.53 25.24
CA VAL A 91 3.89 -4.66 24.71
C VAL A 91 3.46 -5.88 25.50
N LEU A 92 2.76 -6.78 24.85
CA LEU A 92 2.37 -8.00 25.54
C LEU A 92 2.73 -9.13 24.58
N THR A 93 2.79 -10.34 25.12
CA THR A 93 3.18 -11.50 24.37
C THR A 93 2.00 -11.98 23.51
N ASN A 94 2.30 -12.66 22.43
CA ASN A 94 1.24 -13.16 21.56
C ASN A 94 0.51 -14.34 22.20
N SER A 95 1.07 -14.86 23.29
CA SER A 95 0.49 -15.98 24.02
C SER A 95 1.21 -16.16 25.38
N PRO A 96 0.76 -17.12 26.21
CA PRO A 96 1.46 -17.30 27.50
C PRO A 96 2.93 -17.62 27.26
N VAL A 97 3.79 -17.05 28.11
CA VAL A 97 5.22 -17.19 27.95
C VAL A 97 5.79 -18.40 28.68
N GLU A 98 6.55 -19.20 27.96
CA GLU A 98 7.21 -20.35 28.55
C GLU A 98 8.63 -20.38 28.00
N LEU A 99 9.57 -20.68 28.88
CA LEU A 99 10.98 -20.73 28.51
C LEU A 99 11.30 -21.72 27.41
N ARG A 100 12.20 -21.32 26.52
CA ARG A 100 12.66 -22.13 25.40
C ARG A 100 11.49 -22.54 24.50
N GLU A 101 10.37 -21.86 24.68
CA GLU A 101 9.16 -22.10 23.90
C GLU A 101 8.83 -20.83 23.09
N PRO A 102 9.03 -20.88 21.76
CA PRO A 102 8.82 -19.84 20.74
C PRO A 102 7.51 -19.05 20.88
N ASN A 103 7.66 -17.73 20.91
CA ASN A 103 6.52 -16.83 21.06
C ASN A 103 6.71 -15.65 20.12
N VAL A 104 5.86 -14.64 20.27
CA VAL A 104 5.95 -13.45 19.44
C VAL A 104 5.68 -12.23 20.32
N LEU A 105 6.59 -11.25 20.30
CA LEU A 105 6.38 -10.03 21.07
C LEU A 105 5.62 -9.07 20.20
N ILE A 106 4.61 -8.39 20.74
CA ILE A 106 3.85 -7.43 19.95
C ILE A 106 3.90 -6.04 20.58
N CYS A 107 4.03 -4.98 19.75
CA CYS A 107 4.04 -3.63 20.27
C CYS A 107 2.81 -2.90 19.75
N PHE A 108 1.79 -2.77 20.59
CA PHE A 108 0.54 -2.12 20.20
C PHE A 108 0.65 -0.60 20.31
N ILE A 109 0.76 0.09 19.21
CA ILE A 109 0.89 1.54 19.26
C ILE A 109 -0.53 2.01 18.91
N ASP A 110 -1.16 2.79 19.79
CA ASP A 110 -2.55 3.10 19.56
C ASP A 110 -3.01 4.48 19.99
N LYS A 111 -4.16 4.93 19.48
CA LYS A 111 -4.70 6.25 19.83
C LYS A 111 -3.74 7.40 19.55
N PHE A 112 -3.32 7.62 18.31
CA PHE A 112 -2.36 8.72 18.05
C PHE A 112 -2.52 9.34 16.65
N THR A 113 -1.92 10.51 16.43
CA THR A 113 -1.95 11.24 15.14
C THR A 113 -0.87 12.34 15.20
N PRO A 114 -0.29 12.71 14.06
CA PRO A 114 -0.49 12.24 12.69
C PRO A 114 0.00 10.80 12.54
N PRO A 115 -0.36 10.16 11.42
CA PRO A 115 0.05 8.78 11.17
C PRO A 115 1.48 8.70 10.68
N VAL A 116 2.40 9.04 11.56
CA VAL A 116 3.84 9.01 11.27
C VAL A 116 4.53 8.58 12.56
N VAL A 117 5.44 7.62 12.48
CA VAL A 117 6.08 7.16 13.69
C VAL A 117 7.34 6.36 13.42
N ASN A 118 8.31 6.40 14.33
CA ASN A 118 9.55 5.62 14.16
C ASN A 118 9.55 4.57 15.26
N VAL A 119 9.58 3.29 14.87
CA VAL A 119 9.57 2.23 15.86
C VAL A 119 10.76 1.30 15.70
N THR A 120 11.45 1.06 16.82
CA THR A 120 12.59 0.17 16.83
C THR A 120 12.51 -0.77 18.01
N TRP A 121 12.82 -2.03 17.75
CA TRP A 121 12.86 -3.08 18.76
C TRP A 121 14.30 -3.16 19.27
N LEU A 122 14.46 -3.32 20.57
CA LEU A 122 15.76 -3.44 21.19
C LEU A 122 15.80 -4.69 22.04
N ARG A 123 16.83 -5.51 21.82
CA ARG A 123 17.01 -6.72 22.62
C ARG A 123 18.35 -6.49 23.31
N ASN A 124 18.31 -6.38 24.63
CA ASN A 124 19.52 -6.12 25.42
C ASN A 124 20.12 -4.77 25.02
N GLY A 125 19.28 -3.74 24.96
CA GLY A 125 19.73 -2.40 24.60
C GLY A 125 20.18 -2.18 23.17
N LYS A 126 20.12 -3.21 22.34
CA LYS A 126 20.54 -3.03 20.95
C LYS A 126 19.47 -3.47 19.95
N PRO A 127 19.51 -2.90 18.74
CA PRO A 127 18.61 -3.15 17.60
C PRO A 127 18.40 -4.60 17.18
N VAL A 128 17.33 -4.78 16.42
CA VAL A 128 16.95 -6.07 15.88
C VAL A 128 16.24 -5.73 14.58
N THR A 129 16.97 -5.80 13.48
CA THR A 129 16.48 -5.47 12.14
C THR A 129 16.17 -6.71 11.32
N THR A 130 15.88 -7.83 12.00
CA THR A 130 15.59 -9.06 11.29
C THR A 130 14.59 -9.91 12.04
N GLY A 131 13.54 -10.30 11.33
CA GLY A 131 12.51 -11.14 11.91
C GLY A 131 11.31 -10.29 12.27
N VAL A 132 11.43 -8.98 12.09
CA VAL A 132 10.35 -8.07 12.41
C VAL A 132 9.45 -7.77 11.23
N SER A 133 8.20 -7.47 11.52
CA SER A 133 7.22 -7.14 10.50
C SER A 133 6.37 -6.01 11.08
N GLU A 134 5.41 -5.53 10.33
CA GLU A 134 4.59 -4.45 10.85
C GLU A 134 3.41 -4.18 9.96
N THR A 135 2.41 -3.51 10.53
CA THR A 135 1.18 -3.19 9.83
C THR A 135 1.27 -1.73 9.44
N VAL A 136 0.41 -1.26 8.57
CA VAL A 136 0.41 0.15 8.24
C VAL A 136 -0.47 0.81 9.29
N PHE A 137 -0.85 2.06 9.08
CA PHE A 137 -1.66 2.72 10.10
C PHE A 137 -3.11 2.28 9.93
N LEU A 138 -3.68 1.75 11.00
CA LEU A 138 -5.06 1.29 10.97
C LEU A 138 -5.96 2.38 11.52
N PRO A 139 -7.13 2.60 10.92
CA PRO A 139 -7.98 3.66 11.47
C PRO A 139 -8.67 3.25 12.74
N ARG A 140 -8.99 4.23 13.56
CA ARG A 140 -9.67 3.99 14.82
C ARG A 140 -11.04 4.60 14.69
N GLU A 141 -11.96 4.18 15.55
CA GLU A 141 -13.35 4.65 15.55
C GLU A 141 -13.39 6.17 15.78
N ASP A 142 -12.46 6.68 16.58
CA ASP A 142 -12.37 8.10 16.84
C ASP A 142 -11.54 8.87 15.81
N HIS A 143 -11.05 8.17 14.80
CA HIS A 143 -10.29 8.78 13.71
C HIS A 143 -8.85 9.06 14.03
N LEU A 144 -8.35 8.34 15.01
CA LEU A 144 -6.95 8.37 15.35
C LEU A 144 -6.41 7.05 14.77
N PHE A 145 -5.17 6.69 15.10
CA PHE A 145 -4.66 5.48 14.51
C PHE A 145 -4.03 4.56 15.53
N ARG A 146 -3.83 3.32 15.08
CA ARG A 146 -3.15 2.30 15.85
C ARG A 146 -2.23 1.58 14.86
N LYS A 147 -1.16 0.98 15.37
CA LYS A 147 -0.20 0.28 14.51
C LYS A 147 0.39 -0.90 15.27
N PHE A 148 0.71 -1.98 14.55
CA PHE A 148 1.29 -3.14 15.20
C PHE A 148 2.66 -3.42 14.67
N HIS A 149 3.56 -3.70 15.59
CA HIS A 149 4.92 -4.07 15.27
C HIS A 149 5.15 -5.42 15.94
N TYR A 150 5.81 -6.34 15.26
CA TYR A 150 6.00 -7.67 15.84
C TYR A 150 7.45 -8.19 15.88
N LEU A 151 7.73 -8.98 16.91
CA LEU A 151 9.03 -9.56 17.06
C LEU A 151 8.97 -10.99 17.56
N PRO A 152 9.30 -11.95 16.68
CA PRO A 152 9.31 -13.38 16.99
C PRO A 152 10.54 -13.62 17.89
N PHE A 153 10.37 -14.42 18.94
CA PHE A 153 11.50 -14.64 19.85
C PHE A 153 11.40 -15.88 20.72
N LEU A 154 12.53 -16.24 21.30
CA LEU A 154 12.63 -17.38 22.20
C LEU A 154 12.83 -16.83 23.61
N PRO A 155 11.82 -16.95 24.47
CA PRO A 155 11.93 -16.44 25.85
C PRO A 155 13.12 -17.01 26.62
N SER A 156 13.66 -16.17 27.50
CA SER A 156 14.79 -16.55 28.32
C SER A 156 15.11 -15.44 29.30
N THR A 157 15.41 -15.80 30.55
CA THR A 157 15.76 -14.83 31.59
C THR A 157 16.93 -13.98 31.12
N GLU A 158 17.79 -14.61 30.32
CA GLU A 158 18.99 -14.03 29.75
C GLU A 158 18.75 -12.73 28.94
N ASP A 159 17.61 -12.66 28.25
CA ASP A 159 17.27 -11.52 27.38
C ASP A 159 16.22 -10.54 27.94
N VAL A 160 16.36 -9.26 27.54
CA VAL A 160 15.42 -8.19 27.91
C VAL A 160 15.09 -7.39 26.63
N TYR A 161 13.87 -6.90 26.51
CA TYR A 161 13.45 -6.17 25.30
C TYR A 161 12.84 -4.80 25.53
N ASP A 162 13.00 -3.93 24.54
CA ASP A 162 12.40 -2.61 24.58
C ASP A 162 11.77 -2.27 23.24
N CYS A 163 10.55 -1.75 23.25
CA CYS A 163 9.94 -1.26 22.02
C CYS A 163 10.08 0.26 22.10
N ARG A 164 10.92 0.81 21.23
CA ARG A 164 11.19 2.23 21.20
C ARG A 164 10.32 2.93 20.17
N VAL A 165 9.65 3.99 20.59
CA VAL A 165 8.78 4.72 19.69
C VAL A 165 9.01 6.21 19.76
N GLU A 166 9.10 6.81 18.58
CA GLU A 166 9.29 8.23 18.40
C GLU A 166 8.05 8.77 17.70
N HIS A 167 7.46 9.81 18.30
CA HIS A 167 6.31 10.46 17.71
C HIS A 167 6.46 11.92 18.09
N TRP A 168 5.85 12.80 17.30
CA TRP A 168 5.94 14.21 17.58
C TRP A 168 5.16 14.68 18.78
N GLY A 169 4.18 13.89 19.18
CA GLY A 169 3.41 14.31 20.32
C GLY A 169 4.21 14.06 21.59
N LEU A 170 5.18 13.17 21.51
CA LEU A 170 6.01 12.87 22.66
C LEU A 170 7.12 13.89 22.66
N ASP A 171 7.60 14.23 23.84
CA ASP A 171 8.68 15.18 23.95
C ASP A 171 10.02 14.46 24.20
N GLU A 172 10.01 13.16 23.93
CA GLU A 172 11.19 12.28 24.07
C GLU A 172 10.78 10.83 23.68
N PRO A 173 11.69 10.07 23.04
CA PRO A 173 11.41 8.70 22.62
C PRO A 173 10.80 7.95 23.79
N LEU A 174 10.09 6.88 23.50
CA LEU A 174 9.43 6.10 24.55
C LEU A 174 9.91 4.65 24.51
N LEU A 175 10.27 4.10 25.66
CA LEU A 175 10.72 2.72 25.72
C LEU A 175 9.83 1.90 26.64
N LYS A 176 8.93 1.09 26.06
CA LYS A 176 8.08 0.20 26.86
C LYS A 176 8.90 -1.07 26.96
N HIS A 177 9.10 -1.50 28.20
CA HIS A 177 9.92 -2.66 28.52
C HIS A 177 9.15 -3.97 28.56
N TRP A 178 9.88 -5.07 28.38
CA TRP A 178 9.35 -6.40 28.50
C TRP A 178 10.48 -7.36 28.83
N GLU A 179 10.29 -8.14 29.89
CA GLU A 179 11.28 -9.12 30.30
C GLU A 179 10.56 -10.28 30.97
N PHE A 180 11.34 -11.23 31.46
CA PHE A 180 10.81 -12.41 32.12
C PHE A 180 11.29 -12.33 33.57
N ASP A 181 10.35 -12.29 34.52
CA ASP A 181 10.73 -12.19 35.94
C ASP A 181 10.66 -13.52 36.68
N GLY B 1 10.30 15.25 17.38
CA GLY B 1 11.21 15.66 16.27
C GLY B 1 10.87 17.01 15.68
N ASP B 2 10.11 17.02 14.57
CA ASP B 2 9.70 18.25 13.88
C ASP B 2 8.63 19.02 14.68
N THR B 3 8.15 20.10 14.08
CA THR B 3 7.12 20.94 14.68
C THR B 3 6.41 21.66 13.55
N ARG B 4 6.97 21.53 12.36
CA ARG B 4 6.35 22.10 11.17
C ARG B 4 4.95 21.51 11.03
N PRO B 5 3.91 22.32 11.19
CA PRO B 5 2.50 21.91 11.10
C PRO B 5 2.16 20.87 10.04
N ARG B 6 1.29 19.93 10.40
CA ARG B 6 0.85 18.89 9.48
C ARG B 6 -0.66 19.04 9.22
N PHE B 7 -1.05 18.73 7.99
CA PHE B 7 -2.44 18.80 7.57
C PHE B 7 -2.83 17.40 7.12
N LEU B 8 -3.86 16.88 7.75
CA LEU B 8 -4.36 15.54 7.50
C LEU B 8 -5.78 15.51 6.95
N GLU B 9 -5.95 14.81 5.84
CA GLU B 9 -7.25 14.65 5.23
C GLU B 9 -7.65 13.19 5.33
N GLN B 10 -8.77 12.93 5.98
CA GLN B 10 -9.17 11.56 6.09
C GLN B 10 -10.50 11.30 5.40
N VAL B 11 -10.58 10.15 4.73
CA VAL B 11 -11.80 9.79 4.06
C VAL B 11 -12.18 8.36 4.40
N LYS B 12 -13.47 8.15 4.65
CA LYS B 12 -13.95 6.83 5.00
C LYS B 12 -15.29 6.48 4.37
N HIS B 13 -15.32 5.40 3.60
CA HIS B 13 -16.57 4.95 3.03
C HIS B 13 -16.88 3.67 3.81
N GLU B 14 -17.95 3.70 4.57
CA GLU B 14 -18.37 2.60 5.40
C GLU B 14 -19.58 1.82 4.93
N CYS B 15 -19.49 0.51 5.06
CA CYS B 15 -20.59 -0.37 4.66
C CYS B 15 -20.97 -1.15 5.89
N HIS B 16 -22.13 -0.81 6.45
CA HIS B 16 -22.63 -1.46 7.65
C HIS B 16 -23.66 -2.50 7.30
N PHE B 17 -23.39 -3.75 7.66
CA PHE B 17 -24.31 -4.82 7.34
C PHE B 17 -25.04 -5.36 8.55
N PHE B 18 -26.33 -5.61 8.38
CA PHE B 18 -27.13 -6.18 9.46
C PHE B 18 -27.82 -7.45 8.99
N ASN B 19 -27.59 -8.53 9.72
CA ASN B 19 -28.12 -9.86 9.38
C ASN B 19 -27.74 -10.15 7.95
N GLY B 20 -26.44 -10.30 7.70
CA GLY B 20 -25.95 -10.58 6.37
C GLY B 20 -26.07 -9.32 5.55
N THR B 21 -26.80 -9.37 4.43
CA THR B 21 -26.97 -8.22 3.55
C THR B 21 -28.40 -7.76 3.54
N GLU B 22 -29.17 -8.25 4.51
CA GLU B 22 -30.57 -7.88 4.59
C GLU B 22 -30.78 -6.41 4.83
N ARG B 23 -29.83 -5.75 5.46
CA ARG B 23 -29.97 -4.32 5.73
C ARG B 23 -28.67 -3.52 5.62
N VAL B 24 -28.23 -3.22 4.42
CA VAL B 24 -27.00 -2.49 4.19
C VAL B 24 -27.10 -0.96 4.38
N ARG B 25 -26.08 -0.36 4.97
CA ARG B 25 -26.07 1.10 5.13
C ARG B 25 -24.72 1.68 4.75
N PHE B 26 -24.74 2.63 3.84
CA PHE B 26 -23.54 3.30 3.36
C PHE B 26 -23.34 4.70 3.94
N LEU B 27 -22.10 4.96 4.41
CA LEU B 27 -21.70 6.25 4.97
C LEU B 27 -20.48 6.71 4.19
N ASP B 28 -20.52 7.92 3.65
CA ASP B 28 -19.39 8.46 2.88
C ASP B 28 -18.95 9.62 3.79
N ARG B 29 -17.86 9.44 4.53
CA ARG B 29 -17.39 10.43 5.49
C ARG B 29 -16.03 11.07 5.17
N TYR B 30 -15.94 12.39 5.31
CA TYR B 30 -14.71 13.15 5.06
C TYR B 30 -14.31 13.83 6.33
N PHE B 31 -13.01 13.77 6.63
CA PHE B 31 -12.46 14.38 7.87
C PHE B 31 -11.28 15.30 7.57
N TYR B 32 -11.11 16.30 8.43
CA TYR B 32 -9.97 17.25 8.36
C TYR B 32 -9.40 17.04 9.74
N HIS B 33 -8.23 16.40 9.80
CA HIS B 33 -7.56 16.05 11.06
C HIS B 33 -8.51 14.99 11.65
N GLN B 34 -8.95 15.12 12.89
CA GLN B 34 -9.87 14.13 13.42
C GLN B 34 -11.32 14.61 13.22
N GLU B 35 -11.46 15.76 12.57
CA GLU B 35 -12.77 16.41 12.39
C GLU B 35 -13.56 15.99 11.15
N GLU B 36 -14.73 15.39 11.37
CA GLU B 36 -15.59 14.99 10.27
C GLU B 36 -16.35 16.24 9.82
N TYR B 37 -16.08 16.72 8.61
CA TYR B 37 -16.70 17.94 8.18
C TYR B 37 -17.98 17.76 7.37
N VAL B 38 -18.09 16.67 6.64
CA VAL B 38 -19.31 16.43 5.87
C VAL B 38 -19.52 14.93 5.71
N ARG B 39 -20.76 14.50 5.48
CA ARG B 39 -21.02 13.10 5.30
C ARG B 39 -22.30 12.80 4.54
N PHE B 40 -22.30 11.67 3.84
CA PHE B 40 -23.46 11.19 3.12
C PHE B 40 -23.92 9.94 3.85
N ASP B 41 -25.21 9.85 4.16
CA ASP B 41 -25.79 8.70 4.85
C ASP B 41 -26.84 8.09 3.92
N SER B 42 -26.75 6.79 3.62
CA SER B 42 -27.71 6.16 2.73
C SER B 42 -29.17 6.28 3.27
N ASP B 43 -29.37 6.14 4.58
CA ASP B 43 -30.71 6.25 5.16
C ASP B 43 -31.26 7.69 5.11
N VAL B 44 -30.46 8.60 4.56
CA VAL B 44 -30.83 10.01 4.47
C VAL B 44 -30.96 10.44 3.01
N GLY B 45 -30.10 9.93 2.15
CA GLY B 45 -30.17 10.28 0.75
C GLY B 45 -29.37 11.46 0.24
N GLU B 46 -28.96 12.35 1.14
CA GLU B 46 -28.18 13.50 0.71
C GLU B 46 -27.01 13.76 1.64
N TYR B 47 -26.19 14.73 1.25
CA TYR B 47 -25.04 15.12 2.05
C TYR B 47 -25.47 16.10 3.12
N ARG B 48 -24.94 15.89 4.30
CA ARG B 48 -25.25 16.75 5.43
C ARG B 48 -23.95 17.28 5.98
N ALA B 49 -23.90 18.60 6.22
CA ALA B 49 -22.69 19.15 6.81
C ALA B 49 -22.68 18.76 8.29
N VAL B 50 -21.62 18.07 8.70
CA VAL B 50 -21.46 17.61 10.07
C VAL B 50 -20.98 18.76 10.95
N THR B 51 -20.23 19.69 10.33
CA THR B 51 -19.73 20.88 11.01
C THR B 51 -19.74 21.97 9.94
N GLU B 52 -19.72 23.24 10.34
CA GLU B 52 -19.73 24.35 9.38
C GLU B 52 -18.68 24.33 8.28
N LEU B 53 -17.61 23.55 8.49
CA LEU B 53 -16.57 23.44 7.48
C LEU B 53 -17.09 22.70 6.26
N GLY B 54 -18.12 21.87 6.46
CA GLY B 54 -18.67 21.12 5.35
C GLY B 54 -19.87 21.75 4.66
N ARG B 55 -20.39 22.83 5.21
CA ARG B 55 -21.56 23.46 4.63
C ARG B 55 -21.35 23.67 3.12
N PRO B 56 -20.24 24.28 2.70
CA PRO B 56 -19.96 24.52 1.27
C PRO B 56 -19.98 23.27 0.39
N ASP B 57 -19.33 22.19 0.85
CA ASP B 57 -19.26 20.95 0.07
C ASP B 57 -20.60 20.26 -0.02
N ALA B 58 -21.36 20.31 1.07
CA ALA B 58 -22.67 19.68 1.10
C ALA B 58 -23.62 20.36 0.12
N GLU B 59 -23.61 21.68 0.10
CA GLU B 59 -24.51 22.42 -0.79
C GLU B 59 -24.18 22.23 -2.26
N TYR B 60 -22.92 21.97 -2.54
CA TYR B 60 -22.49 21.81 -3.91
C TYR B 60 -22.64 20.38 -4.38
N TRP B 61 -22.13 19.45 -3.59
CA TRP B 61 -22.21 18.05 -3.97
C TRP B 61 -23.67 17.63 -4.12
N ASN B 62 -24.52 18.04 -3.19
CA ASN B 62 -25.93 17.70 -3.21
C ASN B 62 -26.68 18.25 -4.42
N SER B 63 -26.04 19.10 -5.21
CA SER B 63 -26.69 19.67 -6.37
C SER B 63 -26.36 18.92 -7.65
N GLN B 64 -25.32 18.10 -7.58
CA GLN B 64 -24.90 17.28 -8.71
C GLN B 64 -25.78 16.03 -8.69
N LYS B 65 -26.53 15.81 -9.77
CA LYS B 65 -27.41 14.66 -9.84
C LYS B 65 -26.70 13.36 -10.14
N ASP B 66 -25.74 13.38 -11.06
CA ASP B 66 -25.04 12.16 -11.42
C ASP B 66 -24.32 11.58 -10.20
N LEU B 67 -23.65 12.46 -9.44
CA LEU B 67 -22.93 12.02 -8.25
C LEU B 67 -23.85 11.45 -7.17
N LEU B 68 -24.98 12.10 -6.93
CA LEU B 68 -25.93 11.62 -5.93
C LEU B 68 -26.48 10.24 -6.28
N GLU B 69 -26.81 10.05 -7.55
CA GLU B 69 -27.34 8.80 -8.03
C GLU B 69 -26.35 7.73 -7.60
N GLN B 70 -25.11 7.95 -7.97
CA GLN B 70 -24.02 7.03 -7.65
C GLN B 70 -23.81 6.70 -6.20
N LYS B 71 -23.99 7.67 -5.31
CA LYS B 71 -23.83 7.42 -3.89
C LYS B 71 -25.03 6.63 -3.38
N ARG B 72 -26.19 6.88 -3.99
CA ARG B 72 -27.42 6.19 -3.63
C ARG B 72 -27.44 4.74 -4.04
N ALA B 73 -26.73 4.42 -5.12
CA ALA B 73 -26.64 3.02 -5.59
C ALA B 73 -25.58 2.26 -4.78
N ALA B 74 -24.61 2.98 -4.25
CA ALA B 74 -23.53 2.39 -3.48
C ALA B 74 -23.89 1.20 -2.60
N VAL B 75 -25.02 1.22 -1.89
CA VAL B 75 -25.38 0.09 -1.02
C VAL B 75 -25.40 -1.21 -1.81
N ASP B 76 -25.75 -1.12 -3.08
CA ASP B 76 -25.81 -2.31 -3.93
C ASP B 76 -24.49 -2.50 -4.68
N THR B 77 -24.19 -1.54 -5.53
CA THR B 77 -22.99 -1.53 -6.36
C THR B 77 -21.68 -1.67 -5.59
N TYR B 78 -21.65 -1.14 -4.38
CA TYR B 78 -20.45 -1.16 -3.58
C TYR B 78 -20.51 -2.09 -2.38
N CYS B 79 -21.32 -1.73 -1.41
CA CYS B 79 -21.44 -2.53 -0.20
C CYS B 79 -21.79 -3.98 -0.45
N ARG B 80 -22.95 -4.25 -1.07
CA ARG B 80 -23.38 -5.63 -1.28
C ARG B 80 -22.42 -6.37 -2.21
N HIS B 81 -21.93 -5.69 -3.24
CA HIS B 81 -21.01 -6.33 -4.14
C HIS B 81 -19.79 -6.86 -3.37
N ASN B 82 -19.15 -5.98 -2.61
CA ASN B 82 -17.96 -6.36 -1.89
C ASN B 82 -18.20 -7.39 -0.81
N TYR B 83 -19.35 -7.34 -0.16
CA TYR B 83 -19.66 -8.32 0.87
C TYR B 83 -19.59 -9.72 0.23
N GLY B 84 -20.29 -9.88 -0.88
CA GLY B 84 -20.32 -11.18 -1.53
C GLY B 84 -18.98 -11.68 -2.02
N VAL B 85 -18.01 -10.77 -2.15
CA VAL B 85 -16.70 -11.13 -2.62
C VAL B 85 -15.76 -11.52 -1.49
N GLY B 86 -15.93 -10.90 -0.34
CA GLY B 86 -15.04 -11.18 0.77
C GLY B 86 -15.62 -12.04 1.87
N GLU B 87 -16.92 -12.27 1.80
CA GLU B 87 -17.61 -13.05 2.85
C GLU B 87 -16.98 -14.42 2.93
N SER B 88 -16.55 -14.90 1.78
CA SER B 88 -15.93 -16.20 1.64
C SER B 88 -14.81 -16.44 2.66
N PHE B 89 -14.16 -15.37 3.12
CA PHE B 89 -13.03 -15.50 4.04
C PHE B 89 -12.85 -14.38 5.09
N THR B 90 -13.92 -13.66 5.37
CA THR B 90 -13.89 -12.62 6.39
C THR B 90 -14.99 -13.01 7.37
N VAL B 91 -16.22 -12.89 6.89
CA VAL B 91 -17.40 -13.23 7.66
C VAL B 91 -17.41 -14.71 8.03
N GLN B 92 -16.95 -15.56 7.13
CA GLN B 92 -16.93 -17.00 7.39
C GLN B 92 -15.60 -17.53 7.95
N ARG B 93 -14.66 -16.64 8.25
CA ARG B 93 -13.37 -17.06 8.79
C ARG B 93 -13.53 -17.55 10.24
N ARG B 94 -12.92 -18.70 10.54
CA ARG B 94 -13.04 -19.28 11.87
C ARG B 94 -11.77 -19.96 12.32
N VAL B 95 -11.25 -19.57 13.47
CA VAL B 95 -10.04 -20.20 14.00
C VAL B 95 -10.34 -20.44 15.47
N TYR B 96 -10.33 -21.72 15.84
CA TYR B 96 -10.60 -22.12 17.20
C TYR B 96 -9.52 -21.58 18.11
N PRO B 97 -9.87 -21.28 19.36
CA PRO B 97 -8.91 -20.75 20.33
C PRO B 97 -8.17 -21.86 21.09
N GLU B 98 -7.02 -21.51 21.64
CA GLU B 98 -6.22 -22.44 22.43
C GLU B 98 -6.37 -21.92 23.86
N VAL B 99 -7.05 -22.68 24.72
CA VAL B 99 -7.29 -22.32 26.10
C VAL B 99 -6.25 -22.86 27.05
N THR B 100 -5.80 -22.03 28.00
CA THR B 100 -4.79 -22.43 28.95
C THR B 100 -5.10 -21.93 30.36
N VAL B 101 -5.04 -22.83 31.34
CA VAL B 101 -5.30 -22.45 32.73
C VAL B 101 -4.04 -22.70 33.56
N TYR B 102 -3.62 -21.67 34.26
CA TYR B 102 -2.43 -21.76 35.12
C TYR B 102 -2.64 -20.92 36.41
N PRO B 103 -2.04 -21.35 37.56
CA PRO B 103 -2.21 -20.64 38.83
C PRO B 103 -1.68 -19.29 38.54
N ALA B 104 -1.40 -18.47 39.50
CA ALA B 104 -0.95 -17.27 38.91
C ALA B 104 0.24 -16.60 39.51
N LYS B 105 0.56 -15.96 38.55
CA LYS B 105 1.65 -15.05 38.32
C LYS B 105 2.27 -14.35 39.46
N ASN B 113 -3.68 -15.17 45.05
CA ASN B 113 -3.70 -16.43 44.30
C ASN B 113 -4.85 -16.32 43.28
N LEU B 114 -4.46 -16.22 42.00
CA LEU B 114 -5.42 -16.12 40.91
C LEU B 114 -5.31 -17.30 39.95
N LEU B 115 -6.44 -17.93 39.64
CA LEU B 115 -6.44 -19.03 38.71
C LEU B 115 -6.73 -18.36 37.38
N VAL B 116 -5.72 -18.27 36.52
CA VAL B 116 -5.88 -17.64 35.23
C VAL B 116 -6.27 -18.54 34.08
N CYS B 117 -7.12 -17.99 33.22
CA CYS B 117 -7.59 -18.71 32.03
C CYS B 117 -7.27 -17.89 30.79
N SER B 118 -6.35 -18.41 29.97
CA SER B 118 -5.94 -17.69 28.79
C SER B 118 -6.43 -18.33 27.51
N VAL B 119 -7.36 -17.63 26.83
CA VAL B 119 -7.92 -18.06 25.56
C VAL B 119 -7.10 -17.29 24.51
N ASN B 120 -6.45 -18.02 23.60
CA ASN B 120 -5.56 -17.41 22.61
C ASN B 120 -5.85 -17.69 21.14
N GLY B 121 -5.21 -16.89 20.30
CA GLY B 121 -5.28 -17.01 18.85
C GLY B 121 -6.60 -17.49 18.21
N PHE B 122 -7.71 -16.85 18.55
CA PHE B 122 -9.00 -17.26 17.99
C PHE B 122 -9.50 -16.10 17.08
N TYR B 123 -10.53 -16.38 16.34
CA TYR B 123 -11.19 -15.42 15.48
C TYR B 123 -12.53 -16.08 15.11
N PRO B 124 -13.61 -15.28 14.98
CA PRO B 124 -13.90 -13.86 15.14
C PRO B 124 -13.74 -13.34 16.58
N GLY B 125 -14.63 -12.43 16.98
CA GLY B 125 -14.63 -11.86 18.31
C GLY B 125 -15.58 -12.52 19.31
N SER B 126 -16.76 -12.92 18.84
CA SER B 126 -17.74 -13.60 19.66
C SER B 126 -17.06 -14.65 20.55
N ILE B 127 -17.16 -14.46 21.86
CA ILE B 127 -16.55 -15.37 22.82
C ILE B 127 -17.23 -15.28 24.20
N GLU B 128 -17.45 -16.42 24.85
CA GLU B 128 -18.08 -16.45 26.18
C GLU B 128 -17.24 -17.36 27.07
N VAL B 129 -16.51 -16.76 28.00
CA VAL B 129 -15.65 -17.47 28.93
C VAL B 129 -16.17 -17.40 30.37
N ARG B 130 -16.47 -18.56 30.93
CA ARG B 130 -16.98 -18.65 32.30
C ARG B 130 -16.08 -19.51 33.16
N TRP B 131 -16.09 -19.26 34.46
CA TRP B 131 -15.29 -20.01 35.43
C TRP B 131 -16.25 -20.79 36.31
N PHE B 132 -15.86 -22.01 36.71
CA PHE B 132 -16.71 -22.84 37.58
C PHE B 132 -16.01 -23.42 38.80
N ARG B 133 -16.56 -23.13 39.97
CA ARG B 133 -16.03 -23.59 41.24
C ARG B 133 -16.74 -24.89 41.56
N ASN B 134 -16.02 -26.00 41.44
CA ASN B 134 -16.56 -27.33 41.74
C ASN B 134 -17.94 -27.55 41.08
N GLY B 135 -18.06 -27.18 39.81
CA GLY B 135 -19.31 -27.37 39.12
C GLY B 135 -20.24 -26.17 39.05
N GLN B 136 -20.14 -25.28 40.02
CA GLN B 136 -21.00 -24.08 40.09
C GLN B 136 -20.34 -22.83 39.50
N GLU B 137 -21.11 -22.00 38.80
CA GLU B 137 -20.51 -20.81 38.21
C GLU B 137 -20.04 -19.76 39.22
N GLU B 138 -19.03 -19.00 38.82
CA GLU B 138 -18.48 -17.96 39.65
C GLU B 138 -18.54 -16.62 38.95
N LYS B 139 -19.55 -15.82 39.29
CA LYS B 139 -19.71 -14.48 38.72
C LYS B 139 -19.08 -13.53 39.74
N THR B 140 -18.39 -14.14 40.70
CA THR B 140 -17.73 -13.44 41.79
C THR B 140 -16.24 -13.26 41.57
N GLY B 141 -15.78 -12.02 41.69
CA GLY B 141 -14.37 -11.73 41.51
C GLY B 141 -13.76 -12.33 40.25
N VAL B 142 -14.19 -11.86 39.09
CA VAL B 142 -13.64 -12.33 37.83
C VAL B 142 -13.20 -11.15 36.99
N VAL B 143 -11.93 -10.80 37.09
CA VAL B 143 -11.40 -9.68 36.33
C VAL B 143 -10.98 -10.13 34.94
N SER B 144 -11.54 -9.51 33.91
CA SER B 144 -11.20 -9.85 32.55
C SER B 144 -10.46 -8.71 31.87
N THR B 145 -9.49 -9.08 31.04
CA THR B 145 -8.69 -8.12 30.30
C THR B 145 -9.38 -7.93 28.94
N GLY B 146 -10.61 -7.44 28.99
CA GLY B 146 -11.38 -7.22 27.77
C GLY B 146 -11.10 -8.24 26.69
N LEU B 147 -11.06 -7.77 25.45
CA LEU B 147 -10.81 -8.60 24.28
C LEU B 147 -9.70 -7.94 23.46
N ILE B 148 -8.48 -8.43 23.61
CA ILE B 148 -7.32 -7.89 22.90
C ILE B 148 -7.28 -8.30 21.42
N GLN B 149 -6.94 -7.36 20.56
CA GLN B 149 -6.84 -7.58 19.11
C GLN B 149 -5.35 -7.65 18.79
N ASN B 150 -4.92 -8.72 18.12
CA ASN B 150 -3.51 -8.87 17.83
C ASN B 150 -3.01 -8.22 16.54
N GLY B 151 -3.92 -7.80 15.68
CA GLY B 151 -3.52 -7.14 14.45
C GLY B 151 -3.22 -8.09 13.31
N ASP B 152 -3.41 -9.39 13.55
CA ASP B 152 -3.13 -10.39 12.53
C ASP B 152 -4.35 -11.26 12.32
N TRP B 153 -5.53 -10.65 12.46
CA TRP B 153 -6.78 -11.39 12.31
C TRP B 153 -6.90 -12.48 13.37
N THR B 154 -6.39 -12.16 14.54
CA THR B 154 -6.39 -13.03 15.67
C THR B 154 -6.72 -12.20 16.90
N PHE B 155 -7.42 -12.82 17.85
CA PHE B 155 -7.80 -12.17 19.09
C PHE B 155 -7.27 -12.98 20.25
N GLN B 156 -7.19 -12.32 21.41
CA GLN B 156 -6.69 -12.91 22.63
C GLN B 156 -7.39 -12.26 23.82
N THR B 157 -7.56 -13.00 24.90
CA THR B 157 -8.20 -12.48 26.11
C THR B 157 -7.88 -13.34 27.29
N LEU B 158 -7.69 -12.70 28.44
CA LEU B 158 -7.37 -13.43 29.66
C LEU B 158 -8.48 -13.16 30.67
N VAL B 159 -8.95 -14.21 31.31
CA VAL B 159 -10.00 -14.11 32.30
C VAL B 159 -9.57 -14.95 33.50
N MET B 160 -9.23 -14.28 34.60
CA MET B 160 -8.80 -14.99 35.79
C MET B 160 -9.82 -14.99 36.93
N LEU B 161 -9.67 -15.99 37.80
CA LEU B 161 -10.54 -16.20 38.94
C LEU B 161 -9.76 -15.82 40.19
N GLU B 162 -10.32 -14.89 40.95
CA GLU B 162 -9.72 -14.42 42.20
C GLU B 162 -10.18 -15.43 43.26
N THR B 163 -9.25 -16.20 43.82
CA THR B 163 -9.69 -17.18 44.82
C THR B 163 -8.60 -17.83 45.67
N VAL B 164 -9.04 -18.42 46.78
CA VAL B 164 -8.17 -19.11 47.71
C VAL B 164 -8.62 -20.59 47.58
N PRO B 165 -8.07 -21.32 46.58
CA PRO B 165 -8.41 -22.71 46.33
C PRO B 165 -8.23 -23.67 47.50
N ARG B 166 -9.23 -24.53 47.70
CA ARG B 166 -9.18 -25.56 48.74
C ARG B 166 -8.70 -26.85 48.06
N SER B 167 -8.55 -27.92 48.83
CA SER B 167 -8.08 -29.18 48.26
C SER B 167 -9.27 -30.02 47.89
N GLY B 168 -9.13 -30.70 46.75
CA GLY B 168 -10.19 -31.51 46.22
C GLY B 168 -11.35 -30.60 45.97
N GLU B 169 -11.23 -29.92 44.84
CA GLU B 169 -12.18 -28.96 44.31
C GLU B 169 -11.84 -28.68 42.85
N VAL B 170 -12.74 -28.98 41.98
CA VAL B 170 -12.48 -28.81 40.55
C VAL B 170 -12.77 -27.40 40.06
N TYR B 171 -11.85 -26.84 39.29
CA TYR B 171 -12.01 -25.48 38.74
C TYR B 171 -12.10 -25.58 37.22
N THR B 172 -13.12 -25.00 36.64
CA THR B 172 -13.29 -25.13 35.22
C THR B 172 -13.45 -23.82 34.45
N CYS B 173 -12.95 -23.83 33.22
CA CYS B 173 -13.06 -22.68 32.34
C CYS B 173 -13.71 -23.13 31.05
N GLN B 174 -14.93 -22.66 30.82
CA GLN B 174 -15.70 -23.00 29.64
C GLN B 174 -15.57 -21.89 28.60
N VAL B 175 -15.40 -22.27 27.33
CA VAL B 175 -15.26 -21.30 26.26
C VAL B 175 -16.18 -21.60 25.07
N GLU B 176 -17.18 -20.75 24.87
CA GLU B 176 -18.11 -20.90 23.76
C GLU B 176 -17.47 -20.11 22.61
N HIS B 177 -17.67 -20.55 21.36
CA HIS B 177 -17.11 -19.82 20.25
C HIS B 177 -17.66 -20.33 18.92
N PRO B 178 -18.02 -19.41 18.01
CA PRO B 178 -18.57 -19.78 16.71
C PRO B 178 -17.82 -20.90 15.99
N SER B 179 -16.50 -20.94 16.13
CA SER B 179 -15.67 -21.97 15.47
C SER B 179 -15.82 -23.38 16.02
N LEU B 180 -16.47 -23.50 17.18
CA LEU B 180 -16.63 -24.81 17.82
C LEU B 180 -18.06 -25.26 17.82
N THR B 181 -18.25 -26.57 17.77
CA THR B 181 -19.61 -27.13 17.80
C THR B 181 -19.94 -27.29 19.29
N SER B 182 -19.09 -28.03 20.01
CA SER B 182 -19.27 -28.26 21.43
C SER B 182 -18.41 -27.23 22.16
N PRO B 183 -18.81 -26.82 23.36
CA PRO B 183 -18.03 -25.84 24.12
C PRO B 183 -16.68 -26.44 24.57
N LEU B 184 -15.66 -25.58 24.59
CA LEU B 184 -14.31 -26.00 24.98
C LEU B 184 -14.21 -25.93 26.49
N THR B 185 -13.64 -26.97 27.09
CA THR B 185 -13.54 -27.02 28.54
C THR B 185 -12.18 -27.41 29.07
N VAL B 186 -11.65 -26.62 30.00
CA VAL B 186 -10.37 -26.97 30.60
C VAL B 186 -10.54 -27.03 32.11
N GLU B 187 -10.49 -28.25 32.63
CA GLU B 187 -10.65 -28.50 34.04
C GLU B 187 -9.29 -28.67 34.70
N TRP B 188 -9.10 -27.93 35.78
CA TRP B 188 -7.87 -27.94 36.55
C TRP B 188 -8.29 -27.83 38.02
N ARG B 189 -8.17 -28.90 38.78
CA ARG B 189 -8.62 -28.86 40.18
C ARG B 189 -7.62 -28.18 41.11
N ALA B 190 -6.48 -28.79 41.39
CA ALA B 190 -5.50 -28.21 42.30
C ALA B 190 -4.19 -29.00 42.29
N SER C 2 27.41 -7.53 -17.30
CA SER C 2 26.94 -7.51 -15.90
C SER C 2 25.76 -8.46 -15.74
N GLN C 3 24.55 -7.98 -16.02
CA GLN C 3 23.34 -8.78 -15.90
C GLN C 3 23.47 -10.03 -16.78
N PRO C 4 22.85 -11.14 -16.35
CA PRO C 4 22.96 -12.34 -17.17
C PRO C 4 22.28 -12.12 -18.50
N ASP C 5 22.83 -12.66 -19.59
CA ASP C 5 22.18 -12.52 -20.89
C ASP C 5 20.96 -13.42 -20.70
N PRO C 6 19.90 -13.21 -21.51
CA PRO C 6 18.74 -14.07 -21.31
C PRO C 6 18.79 -15.44 -21.97
N LYS C 7 17.78 -16.25 -21.68
CA LYS C 7 17.63 -17.59 -22.23
C LYS C 7 16.22 -17.66 -22.81
N PRO C 8 16.09 -18.20 -24.03
CA PRO C 8 14.83 -18.35 -24.78
C PRO C 8 13.50 -18.31 -23.99
N ASP C 9 13.39 -19.10 -22.92
CA ASP C 9 12.16 -19.16 -22.14
C ASP C 9 11.93 -18.02 -21.13
N GLU C 10 12.95 -17.18 -20.92
CA GLU C 10 12.83 -16.06 -20.00
C GLU C 10 11.99 -14.94 -20.62
N LEU C 11 12.05 -14.82 -21.94
CA LEU C 11 11.32 -13.79 -22.68
C LEU C 11 9.87 -14.14 -22.99
N HIS C 12 9.01 -13.12 -22.94
CA HIS C 12 7.59 -13.30 -23.22
C HIS C 12 7.48 -13.45 -24.73
N LYS C 13 6.44 -14.13 -25.18
CA LYS C 13 6.24 -14.34 -26.60
C LYS C 13 5.03 -13.53 -27.05
N SER C 14 5.16 -12.86 -28.18
CA SER C 14 4.08 -12.04 -28.69
C SER C 14 2.91 -12.90 -29.06
N SER C 15 3.22 -14.16 -29.35
CA SER C 15 2.16 -15.05 -29.74
C SER C 15 1.28 -15.50 -28.56
N LYS C 16 1.52 -14.97 -27.37
CA LYS C 16 0.74 -15.28 -26.17
C LYS C 16 -0.12 -14.08 -25.69
N PHE C 17 0.19 -12.91 -26.21
CA PHE C 17 -0.54 -11.69 -25.86
C PHE C 17 -1.78 -11.59 -26.74
N THR C 18 -2.93 -11.77 -26.12
CA THR C 18 -4.21 -11.75 -26.82
C THR C 18 -4.76 -10.37 -27.14
N GLY C 19 -4.47 -9.41 -26.28
CA GLY C 19 -4.98 -8.06 -26.51
C GLY C 19 -4.43 -7.34 -27.72
N LEU C 20 -5.01 -6.16 -27.96
CA LEU C 20 -4.65 -5.25 -29.05
C LEU C 20 -3.19 -4.83 -28.87
N MET C 21 -2.39 -4.84 -29.92
CA MET C 21 -0.98 -4.45 -29.79
C MET C 21 -0.75 -2.94 -29.94
N GLU C 22 -1.74 -2.23 -30.46
CA GLU C 22 -1.67 -0.80 -30.64
C GLU C 22 -1.23 -0.14 -29.31
N ASN C 23 -1.63 -0.76 -28.21
CA ASN C 23 -1.33 -0.28 -26.87
C ASN C 23 0.13 -0.24 -26.50
N MET C 24 0.97 -1.01 -27.19
CA MET C 24 2.40 -0.88 -26.92
C MET C 24 2.89 0.08 -27.99
N LYS C 25 2.35 -0.10 -29.19
CA LYS C 25 2.71 0.71 -30.34
C LYS C 25 2.74 2.19 -29.98
N VAL C 26 1.64 2.67 -29.40
CA VAL C 26 1.51 4.08 -29.03
C VAL C 26 2.54 4.58 -28.03
N LEU C 27 3.14 3.69 -27.25
CA LEU C 27 4.17 4.12 -26.32
C LEU C 27 5.48 4.41 -27.05
N TYR C 28 5.59 3.91 -28.26
CA TYR C 28 6.80 4.11 -29.03
C TYR C 28 6.69 4.76 -30.40
N ASP C 29 5.53 5.15 -30.89
CA ASP C 29 5.75 5.90 -32.11
C ASP C 29 5.87 7.37 -31.68
N ASP C 30 5.72 8.27 -32.64
CA ASP C 30 5.90 9.71 -32.55
C ASP C 30 5.72 10.47 -31.18
N ASN C 31 4.50 10.52 -30.65
CA ASN C 31 4.26 11.20 -29.37
C ASN C 31 5.02 10.59 -28.19
N HIS C 32 5.70 11.46 -27.45
CA HIS C 32 6.48 11.14 -26.27
C HIS C 32 6.75 12.44 -25.54
N VAL C 33 7.15 12.37 -24.29
CA VAL C 33 7.45 13.59 -23.54
C VAL C 33 8.84 14.11 -23.85
N SER C 34 8.99 15.44 -23.92
CA SER C 34 10.28 16.08 -24.21
C SER C 34 10.38 17.54 -23.78
N ALA C 35 11.26 17.82 -22.82
CA ALA C 35 11.46 19.19 -22.35
C ALA C 35 12.90 19.49 -21.98
N ILE C 36 13.41 20.57 -22.57
CA ILE C 36 14.77 21.04 -22.39
C ILE C 36 14.72 22.22 -21.40
N ASN C 37 15.49 22.08 -20.32
CA ASN C 37 15.70 23.13 -19.29
C ASN C 37 14.48 23.45 -18.38
N VAL C 38 13.79 22.42 -17.91
CA VAL C 38 12.59 22.59 -17.08
C VAL C 38 12.88 22.37 -15.57
N LYS C 39 11.88 22.74 -14.73
CA LYS C 39 12.03 22.62 -13.27
C LYS C 39 10.76 22.24 -12.51
N SER C 40 10.91 21.22 -11.68
CA SER C 40 9.84 20.69 -10.84
C SER C 40 9.05 21.84 -10.21
N ILE C 41 7.75 21.86 -10.45
CA ILE C 41 6.91 22.91 -9.88
C ILE C 41 6.17 22.39 -8.63
N ASP C 42 5.96 21.08 -8.54
CA ASP C 42 5.22 20.49 -7.42
C ASP C 42 5.46 18.99 -7.33
N GLN C 43 4.76 18.34 -6.41
CA GLN C 43 4.85 16.89 -6.20
C GLN C 43 3.48 16.34 -5.80
N PHE C 44 3.25 15.08 -6.09
CA PHE C 44 2.00 14.46 -5.70
C PHE C 44 2.36 13.57 -4.50
N LEU C 45 3.33 12.69 -4.70
CA LEU C 45 3.81 11.83 -3.63
C LEU C 45 5.33 11.98 -3.55
N TYR C 46 5.93 11.55 -2.44
CA TYR C 46 7.35 11.75 -2.23
C TYR C 46 8.30 11.12 -3.23
N PHE C 47 7.82 10.21 -4.05
CA PHE C 47 8.69 9.57 -5.03
C PHE C 47 8.47 10.09 -6.48
N ASP C 48 7.76 11.21 -6.62
CA ASP C 48 7.51 11.81 -7.92
C ASP C 48 7.64 13.33 -7.94
N LEU C 49 7.98 13.85 -9.11
CA LEU C 49 8.12 15.27 -9.32
C LEU C 49 7.09 15.63 -10.39
N ILE C 50 6.52 16.82 -10.31
CA ILE C 50 5.55 17.25 -11.29
C ILE C 50 6.06 18.44 -12.09
N TYR C 51 5.96 18.32 -13.40
CA TYR C 51 6.41 19.36 -14.31
C TYR C 51 5.26 20.01 -15.09
N SER C 52 5.50 21.24 -15.51
CA SER C 52 4.55 22.02 -16.29
C SER C 52 5.14 22.08 -17.67
N ILE C 53 4.90 21.05 -18.44
CA ILE C 53 5.43 21.00 -19.78
C ILE C 53 4.36 21.41 -20.78
N LYS C 54 4.51 22.65 -21.20
CA LYS C 54 3.62 23.27 -22.17
C LYS C 54 3.75 22.54 -23.50
N ASP C 55 2.61 22.32 -24.15
CA ASP C 55 2.58 21.67 -25.45
C ASP C 55 1.68 22.44 -26.42
N THR C 56 2.17 22.61 -27.65
CA THR C 56 1.43 23.32 -28.69
C THR C 56 1.52 22.56 -30.02
N LYS C 57 1.96 21.32 -29.91
CA LYS C 57 2.07 20.43 -31.08
C LYS C 57 0.64 19.95 -31.39
N LEU C 58 0.04 19.33 -30.39
CA LEU C 58 -1.35 18.85 -30.43
C LEU C 58 -1.98 19.14 -29.08
N GLY C 59 -1.12 19.19 -28.05
CA GLY C 59 -1.52 19.52 -26.68
C GLY C 59 -2.42 18.48 -26.02
N ASN C 60 -1.92 17.25 -25.94
CA ASN C 60 -2.68 16.16 -25.32
C ASN C 60 -2.59 16.27 -23.80
N TYR C 61 -1.78 17.21 -23.33
CA TYR C 61 -1.54 17.42 -21.90
C TYR C 61 -0.78 18.72 -21.70
N ASP C 62 -0.60 19.08 -20.43
CA ASP C 62 0.12 20.29 -20.06
C ASP C 62 1.01 19.98 -18.87
N ASN C 63 0.43 19.26 -17.91
CA ASN C 63 1.11 18.85 -16.70
C ASN C 63 1.53 17.35 -16.71
N VAL C 64 2.81 17.10 -16.48
CA VAL C 64 3.40 15.76 -16.47
C VAL C 64 3.89 15.36 -15.07
N ARG C 65 3.59 14.11 -14.73
CA ARG C 65 3.99 13.54 -13.48
C ARG C 65 5.10 12.56 -13.82
N VAL C 66 6.22 12.68 -13.13
CA VAL C 66 7.35 11.81 -13.32
C VAL C 66 7.55 11.08 -12.00
N GLU C 67 7.52 9.75 -12.06
CA GLU C 67 7.69 8.95 -10.88
C GLU C 67 9.05 8.28 -10.90
N PHE C 68 9.63 8.14 -9.71
CA PHE C 68 10.92 7.46 -9.56
C PHE C 68 10.79 6.24 -8.66
N LYS C 69 11.87 5.48 -8.58
CA LYS C 69 11.96 4.28 -7.79
C LYS C 69 11.81 4.54 -6.29
N ASN C 70 12.35 5.67 -5.83
CA ASN C 70 12.27 6.01 -4.41
C ASN C 70 12.36 7.52 -4.19
N LYS C 71 12.47 7.94 -2.93
CA LYS C 71 12.54 9.36 -2.64
C LYS C 71 13.89 9.97 -2.97
N ASP C 72 14.95 9.20 -2.83
CA ASP C 72 16.29 9.71 -3.11
C ASP C 72 16.34 10.39 -4.46
N LEU C 73 15.82 9.71 -5.48
CA LEU C 73 15.81 10.25 -6.83
C LEU C 73 14.94 11.50 -6.97
N ALA C 74 13.72 11.48 -6.43
CA ALA C 74 12.85 12.65 -6.51
C ALA C 74 13.55 13.85 -5.90
N ASP C 75 14.33 13.63 -4.82
CA ASP C 75 15.07 14.74 -4.20
C ASP C 75 16.28 15.15 -5.03
N LYS C 76 17.01 14.18 -5.60
CA LYS C 76 18.16 14.50 -6.44
C LYS C 76 17.81 15.59 -7.44
N TYR C 77 16.77 15.34 -8.21
CA TYR C 77 16.39 16.27 -9.26
C TYR C 77 15.30 17.28 -8.94
N LYS C 78 14.87 17.32 -7.69
CA LYS C 78 13.79 18.24 -7.33
C LYS C 78 13.96 19.65 -7.84
N ASP C 79 14.66 20.48 -7.07
CA ASP C 79 14.84 21.87 -7.49
C ASP C 79 16.09 22.09 -8.34
N LYS C 80 16.03 21.53 -9.54
CA LYS C 80 17.10 21.61 -10.50
C LYS C 80 16.47 21.72 -11.89
N TYR C 81 17.23 22.23 -12.85
CA TYR C 81 16.75 22.33 -14.22
C TYR C 81 17.24 21.06 -14.86
N VAL C 82 16.31 20.32 -15.42
CA VAL C 82 16.66 19.07 -16.00
C VAL C 82 16.16 18.97 -17.41
N ASP C 83 16.61 17.92 -18.10
CA ASP C 83 16.07 17.66 -19.43
C ASP C 83 15.17 16.48 -19.22
N VAL C 84 13.94 16.59 -19.69
CA VAL C 84 12.99 15.50 -19.56
C VAL C 84 12.76 14.82 -20.91
N PHE C 85 12.65 13.50 -20.89
CA PHE C 85 12.40 12.74 -22.09
C PHE C 85 12.01 11.35 -21.72
N GLY C 86 10.89 10.92 -22.25
CA GLY C 86 10.45 9.55 -22.02
C GLY C 86 9.11 9.22 -22.63
N ALA C 87 8.74 7.95 -22.48
CA ALA C 87 7.48 7.44 -22.97
C ALA C 87 6.42 7.76 -21.91
N ASN C 88 5.31 8.37 -22.33
CA ASN C 88 4.22 8.75 -21.43
C ASN C 88 2.93 7.96 -21.70
N TYR C 89 2.04 7.90 -20.70
CA TYR C 89 0.77 7.18 -20.81
C TYR C 89 -0.32 8.03 -20.16
N TYR C 90 -1.55 7.88 -20.62
CA TYR C 90 -2.66 8.66 -20.07
C TYR C 90 -3.61 7.78 -19.30
N TYR C 91 -3.81 6.58 -19.82
CA TYR C 91 -4.73 5.62 -19.22
C TYR C 91 -4.99 5.81 -17.74
N GLN C 92 -4.07 5.37 -16.89
CA GLN C 92 -4.29 5.54 -15.44
C GLN C 92 -3.36 6.49 -14.70
N CYS C 93 -3.07 7.59 -15.35
CA CYS C 93 -2.22 8.64 -14.84
C CYS C 93 -3.07 9.43 -13.87
N TYR C 94 -2.65 9.49 -12.60
CA TYR C 94 -3.38 10.25 -11.60
C TYR C 94 -2.45 11.12 -10.78
N PHE C 95 -2.87 12.34 -10.49
CA PHE C 95 -2.07 13.25 -9.69
C PHE C 95 -2.82 14.57 -9.51
N SER C 96 -2.48 15.27 -8.43
CA SER C 96 -3.11 16.54 -8.11
C SER C 96 -2.07 17.42 -7.40
N LYS C 111 -3.38 14.56 -16.68
CA LYS C 111 -2.85 14.74 -18.04
C LYS C 111 -2.05 13.53 -18.44
N THR C 112 -0.74 13.58 -18.28
CA THR C 112 0.06 12.43 -18.65
C THR C 112 1.11 12.08 -17.60
N CYS C 113 1.57 10.83 -17.65
CA CYS C 113 2.54 10.31 -16.69
C CYS C 113 3.66 9.58 -17.36
N MET C 114 4.75 9.45 -16.61
CA MET C 114 5.94 8.77 -17.09
C MET C 114 6.85 8.40 -15.92
N TYR C 115 7.92 7.65 -16.20
CA TYR C 115 8.86 7.25 -15.18
C TYR C 115 10.28 7.70 -15.56
N GLY C 116 11.06 8.06 -14.56
CA GLY C 116 12.42 8.49 -14.82
C GLY C 116 12.53 9.53 -15.92
N GLY C 117 13.44 9.30 -16.86
CA GLY C 117 13.61 10.19 -17.99
C GLY C 117 14.20 11.55 -17.71
N VAL C 118 14.41 11.91 -16.46
CA VAL C 118 14.99 13.21 -16.19
C VAL C 118 16.51 13.11 -16.30
N THR C 119 17.16 14.24 -16.49
CA THR C 119 18.60 14.30 -16.61
C THR C 119 19.08 15.73 -16.35
N GLU C 120 20.14 15.86 -15.55
CA GLU C 120 20.70 17.17 -15.22
C GLU C 120 20.87 17.91 -16.55
N HIS C 121 20.58 19.20 -16.57
CA HIS C 121 20.73 19.97 -17.82
C HIS C 121 22.12 20.52 -18.10
N ASN C 122 22.55 21.47 -17.27
CA ASN C 122 23.85 22.11 -17.41
C ASN C 122 25.01 21.13 -17.31
N GLY C 123 25.95 21.25 -18.25
CA GLY C 123 27.10 20.37 -18.24
C GLY C 123 26.85 19.10 -19.04
N ASN C 124 25.62 18.62 -18.99
CA ASN C 124 25.22 17.40 -19.67
C ASN C 124 24.95 17.67 -21.16
N GLN C 125 25.58 18.70 -21.71
CA GLN C 125 25.38 19.04 -23.11
C GLN C 125 26.64 19.00 -23.97
N LEU C 126 26.45 19.27 -25.25
CA LEU C 126 27.51 19.32 -26.25
C LEU C 126 26.84 19.79 -27.53
N ASP C 127 27.50 20.68 -28.26
CA ASP C 127 26.92 21.25 -29.47
C ASP C 127 26.49 20.34 -30.60
N LYS C 128 27.22 19.26 -30.84
CA LYS C 128 26.84 18.35 -31.91
C LYS C 128 26.25 17.05 -31.39
N TYR C 129 25.46 16.38 -32.22
CA TYR C 129 24.84 15.10 -31.81
C TYR C 129 25.81 13.93 -31.95
N ARG C 130 25.80 13.02 -30.98
CA ARG C 130 26.64 11.85 -31.08
C ARG C 130 25.77 10.80 -31.73
N SER C 131 26.39 9.80 -32.27
CA SER C 131 25.63 8.72 -32.88
C SER C 131 25.90 7.40 -32.15
N ILE C 132 24.84 6.74 -31.79
CA ILE C 132 24.95 5.47 -31.11
C ILE C 132 24.53 4.42 -32.12
N THR C 133 25.37 3.39 -32.29
CA THR C 133 25.10 2.34 -33.25
C THR C 133 24.12 1.30 -32.78
N VAL C 134 23.23 0.90 -33.68
CA VAL C 134 22.23 -0.10 -33.37
C VAL C 134 22.20 -1.20 -34.43
N ARG C 135 22.76 -2.35 -34.06
CA ARG C 135 22.80 -3.54 -34.91
C ARG C 135 21.60 -4.38 -34.51
N VAL C 136 20.73 -4.65 -35.47
CA VAL C 136 19.53 -5.43 -35.27
C VAL C 136 19.70 -6.87 -35.71
N PHE C 137 19.53 -7.81 -34.78
CA PHE C 137 19.68 -9.23 -35.08
C PHE C 137 18.38 -10.00 -35.22
N GLU C 138 17.87 -10.13 -36.44
CA GLU C 138 16.65 -10.88 -36.65
C GLU C 138 16.99 -12.36 -36.83
N ASP C 139 16.69 -13.14 -35.79
CA ASP C 139 16.95 -14.59 -35.74
C ASP C 139 18.44 -14.86 -35.82
N GLY C 140 19.20 -14.23 -34.93
CA GLY C 140 20.63 -14.43 -34.89
C GLY C 140 21.36 -13.81 -36.07
N LYS C 141 20.63 -13.22 -37.02
CA LYS C 141 21.27 -12.63 -38.20
C LYS C 141 21.17 -11.10 -38.30
N ASN C 142 22.32 -10.44 -38.46
CA ASN C 142 22.38 -8.99 -38.55
C ASN C 142 21.96 -8.43 -39.89
N LEU C 143 20.66 -8.20 -40.06
CA LEU C 143 20.12 -7.68 -41.32
C LEU C 143 19.88 -6.17 -41.37
N LEU C 144 20.12 -5.47 -40.24
CA LEU C 144 19.90 -4.04 -40.21
C LEU C 144 20.68 -3.33 -39.12
N SER C 145 21.52 -2.38 -39.53
CA SER C 145 22.33 -1.60 -38.60
C SER C 145 22.01 -0.13 -38.83
N PHE C 146 21.77 0.62 -37.77
CA PHE C 146 21.48 2.02 -37.91
C PHE C 146 21.90 2.82 -36.70
N ASP C 147 21.94 4.13 -36.85
CA ASP C 147 22.32 5.01 -35.75
C ASP C 147 21.16 5.84 -35.17
N VAL C 148 21.26 6.13 -33.88
CA VAL C 148 20.31 7.00 -33.19
C VAL C 148 21.17 8.10 -32.58
N GLN C 149 20.65 9.31 -32.60
CA GLN C 149 21.40 10.46 -32.11
C GLN C 149 20.95 10.98 -30.77
N THR C 150 21.84 11.73 -30.14
CA THR C 150 21.59 12.30 -28.85
C THR C 150 22.65 13.37 -28.66
N ASN C 151 22.30 14.45 -27.96
CA ASN C 151 23.24 15.53 -27.71
C ASN C 151 23.52 15.65 -26.21
N LYS C 152 23.45 14.54 -25.48
CA LYS C 152 23.66 14.56 -24.04
C LYS C 152 24.81 13.63 -23.68
N LYS C 153 25.72 14.11 -22.84
CA LYS C 153 26.86 13.31 -22.41
C LYS C 153 26.33 12.05 -21.73
N LYS C 154 25.39 12.25 -20.82
CA LYS C 154 24.78 11.11 -20.15
C LYS C 154 23.31 11.07 -20.55
N VAL C 155 22.89 9.93 -21.09
CA VAL C 155 21.53 9.73 -21.56
C VAL C 155 20.86 8.66 -20.73
N THR C 156 19.54 8.68 -20.67
CA THR C 156 18.83 7.60 -19.99
C THR C 156 18.71 6.47 -21.00
N ALA C 157 18.60 5.26 -20.48
CA ALA C 157 18.46 4.13 -21.35
C ALA C 157 17.12 4.36 -22.02
N GLN C 158 16.16 4.89 -21.25
CA GLN C 158 14.80 5.11 -21.79
C GLN C 158 14.77 5.94 -23.08
N GLU C 159 15.48 7.05 -23.12
CA GLU C 159 15.52 7.89 -24.33
C GLU C 159 16.02 7.07 -25.51
N LEU C 160 17.10 6.34 -25.28
CA LEU C 160 17.69 5.49 -26.31
C LEU C 160 16.74 4.37 -26.74
N ASP C 161 16.13 3.73 -25.76
CA ASP C 161 15.19 2.66 -25.98
C ASP C 161 14.06 3.16 -26.90
N TYR C 162 13.48 4.32 -26.56
CA TYR C 162 12.39 4.89 -27.34
C TYR C 162 12.85 5.19 -28.79
N LEU C 163 14.03 5.78 -28.93
CA LEU C 163 14.53 6.12 -30.25
C LEU C 163 14.70 4.89 -31.14
N THR C 164 15.26 3.82 -30.55
CA THR C 164 15.51 2.59 -31.29
C THR C 164 14.18 1.99 -31.73
N ARG C 165 13.28 1.77 -30.77
CA ARG C 165 11.99 1.17 -31.08
C ARG C 165 11.16 2.03 -32.03
N HIS C 166 11.26 3.35 -31.87
CA HIS C 166 10.49 4.23 -32.75
C HIS C 166 10.94 3.98 -34.19
N TYR C 167 12.24 3.75 -34.36
CA TYR C 167 12.79 3.47 -35.69
C TYR C 167 12.28 2.11 -36.17
N LEU C 168 12.24 1.14 -35.27
CA LEU C 168 11.82 -0.19 -35.64
C LEU C 168 10.36 -0.34 -35.95
N VAL C 169 9.47 0.47 -35.34
CA VAL C 169 8.06 0.29 -35.67
C VAL C 169 7.75 0.90 -37.04
N LYS C 170 8.57 1.84 -37.47
CA LYS C 170 8.33 2.46 -38.77
C LYS C 170 9.06 1.72 -39.89
N ASN C 171 10.26 1.22 -39.61
CA ASN C 171 11.01 0.55 -40.68
C ASN C 171 11.03 -0.98 -40.59
N LYS C 172 10.60 -1.52 -39.46
CA LYS C 172 10.60 -2.97 -39.26
C LYS C 172 9.25 -3.54 -38.83
N LYS C 173 8.28 -2.65 -38.60
CA LYS C 173 6.94 -3.06 -38.16
C LYS C 173 7.01 -3.83 -36.84
N LEU C 174 7.91 -3.39 -35.95
CA LEU C 174 8.14 -4.03 -34.67
C LEU C 174 6.84 -4.32 -33.95
N TYR C 175 5.96 -3.34 -33.88
CA TYR C 175 4.65 -3.49 -33.25
C TYR C 175 3.53 -3.09 -34.20
N GLU C 176 2.86 -4.05 -34.82
CA GLU C 176 1.75 -3.71 -35.69
C GLU C 176 0.52 -3.50 -34.78
N PHE C 177 -0.63 -3.16 -35.37
CA PHE C 177 -1.87 -2.90 -34.61
C PHE C 177 -2.45 -4.09 -33.83
N ASN C 178 -2.44 -5.27 -34.43
CA ASN C 178 -2.96 -6.50 -33.81
C ASN C 178 -1.90 -7.21 -32.98
N ASN C 179 -0.80 -7.56 -33.62
CA ASN C 179 0.27 -8.26 -32.92
C ASN C 179 1.62 -7.71 -33.41
N SER C 180 2.62 -8.59 -33.51
CA SER C 180 3.93 -8.19 -33.95
C SER C 180 4.48 -9.26 -34.87
N PRO C 181 5.10 -8.85 -35.98
CA PRO C 181 5.65 -9.82 -36.93
C PRO C 181 6.79 -10.62 -36.31
N TYR C 182 6.98 -10.48 -35.00
CA TYR C 182 8.04 -11.19 -34.29
C TYR C 182 7.49 -11.88 -33.04
N GLU C 183 8.07 -13.03 -32.70
CA GLU C 183 7.63 -13.78 -31.53
C GLU C 183 8.16 -13.08 -30.26
N THR C 184 9.45 -13.21 -29.99
CA THR C 184 10.07 -12.61 -28.83
C THR C 184 11.08 -11.57 -29.27
N GLY C 185 11.36 -10.59 -28.41
CA GLY C 185 12.32 -9.57 -28.77
C GLY C 185 12.92 -8.89 -27.55
N TYR C 186 14.19 -8.49 -27.63
CA TYR C 186 14.82 -7.81 -26.50
C TYR C 186 15.97 -6.87 -26.83
N ILE C 187 15.94 -5.68 -26.24
CA ILE C 187 16.97 -4.68 -26.48
C ILE C 187 17.99 -4.65 -25.35
N LYS C 188 19.26 -4.79 -25.69
CA LYS C 188 20.30 -4.75 -24.67
C LYS C 188 21.27 -3.60 -24.94
N PHE C 189 21.79 -3.05 -23.84
CA PHE C 189 22.75 -1.94 -23.87
C PHE C 189 24.09 -2.46 -23.37
N ILE C 190 25.16 -2.05 -24.04
CA ILE C 190 26.49 -2.48 -23.68
C ILE C 190 27.40 -1.27 -23.40
N GLU C 191 28.08 -1.37 -22.27
CA GLU C 191 29.00 -0.33 -21.80
C GLU C 191 30.16 -1.02 -21.08
N ASN C 192 31.21 -1.28 -21.86
CA ASN C 192 32.43 -1.96 -21.41
C ASN C 192 32.08 -3.12 -20.46
N GLU C 193 32.11 -2.87 -19.16
CA GLU C 193 31.78 -3.93 -18.20
C GLU C 193 30.32 -4.33 -18.17
N ASN C 194 29.50 -3.34 -17.96
CA ASN C 194 28.07 -3.52 -17.81
C ASN C 194 27.34 -3.71 -19.11
N SER C 195 26.21 -4.42 -19.03
CA SER C 195 25.33 -4.69 -20.18
C SER C 195 23.99 -5.22 -19.63
N PHE C 196 22.92 -4.47 -19.85
CA PHE C 196 21.58 -4.83 -19.38
C PHE C 196 20.65 -4.81 -20.58
N TRP C 197 19.51 -5.48 -20.46
CA TRP C 197 18.54 -5.54 -21.55
C TRP C 197 17.14 -5.42 -20.95
N TYR C 198 16.17 -5.19 -21.83
CA TYR C 198 14.79 -5.03 -21.44
C TYR C 198 13.98 -5.95 -22.36
N ASP C 199 12.91 -6.51 -21.80
CA ASP C 199 12.01 -7.37 -22.56
C ASP C 199 11.05 -6.49 -23.26
N MET C 200 11.29 -6.38 -24.54
CA MET C 200 10.58 -5.57 -25.46
C MET C 200 9.17 -6.07 -25.91
N MET C 201 8.66 -7.13 -25.30
CA MET C 201 7.36 -7.71 -25.68
C MET C 201 6.39 -7.70 -24.53
N PRO C 202 5.08 -7.63 -24.83
CA PRO C 202 4.05 -7.61 -23.77
C PRO C 202 3.94 -8.98 -23.06
N ALA C 203 3.55 -8.96 -21.79
CA ALA C 203 3.39 -10.16 -21.00
C ALA C 203 2.10 -10.88 -21.42
N PRO C 204 2.04 -12.22 -21.24
CA PRO C 204 0.84 -12.99 -21.62
C PRO C 204 -0.42 -12.45 -20.99
N GLY C 205 -1.49 -12.36 -21.78
CA GLY C 205 -2.73 -11.86 -21.21
C GLY C 205 -3.70 -11.23 -22.17
N ASP C 206 -4.92 -11.04 -21.70
CA ASP C 206 -5.97 -10.45 -22.48
C ASP C 206 -5.85 -8.91 -22.43
N LYS C 207 -4.90 -8.41 -21.62
CA LYS C 207 -4.69 -6.96 -21.50
C LYS C 207 -3.26 -6.52 -21.23
N PHE C 208 -2.98 -5.26 -21.56
CA PHE C 208 -1.64 -4.67 -21.35
C PHE C 208 -1.68 -3.44 -20.44
N ASP C 209 -0.99 -3.51 -19.31
CA ASP C 209 -0.93 -2.41 -18.38
C ASP C 209 0.26 -1.53 -18.72
N GLN C 210 0.00 -0.45 -19.45
CA GLN C 210 1.05 0.46 -19.85
C GLN C 210 1.83 1.01 -18.68
N SER C 211 1.12 1.38 -17.62
CA SER C 211 1.78 1.94 -16.44
C SER C 211 2.82 1.02 -15.86
N LYS C 212 2.45 -0.23 -15.65
CA LYS C 212 3.35 -1.20 -15.02
C LYS C 212 4.55 -1.51 -15.91
N TYR C 213 4.32 -1.56 -17.21
CA TYR C 213 5.41 -1.85 -18.14
C TYR C 213 6.40 -0.68 -18.17
N LEU C 214 5.89 0.55 -18.27
CA LEU C 214 6.77 1.72 -18.30
C LEU C 214 7.53 1.90 -16.99
N MET C 215 7.10 1.23 -15.93
CA MET C 215 7.74 1.35 -14.63
C MET C 215 9.22 0.90 -14.65
N MET C 216 9.57 0.01 -15.57
CA MET C 216 10.97 -0.41 -15.61
C MET C 216 11.94 0.79 -15.74
N TYR C 217 11.50 1.86 -16.39
CA TYR C 217 12.32 3.08 -16.58
C TYR C 217 12.35 3.95 -15.33
N ASN C 218 11.82 3.45 -14.22
CA ASN C 218 11.74 4.25 -13.03
C ASN C 218 13.02 4.45 -12.22
N ASP C 219 14.03 3.60 -12.44
CA ASP C 219 15.30 3.72 -11.74
C ASP C 219 16.16 4.80 -12.40
N ASN C 220 15.61 5.48 -13.40
CA ASN C 220 16.31 6.56 -14.11
C ASN C 220 17.69 6.11 -14.65
N LYS C 221 17.81 4.85 -15.03
CA LYS C 221 19.08 4.32 -15.55
C LYS C 221 19.69 5.28 -16.59
N MET C 222 20.97 5.58 -16.45
CA MET C 222 21.65 6.45 -17.39
C MET C 222 22.87 5.77 -17.99
N VAL C 223 23.33 6.27 -19.13
CA VAL C 223 24.54 5.74 -19.77
C VAL C 223 25.35 6.87 -20.39
N ASP C 224 26.58 6.55 -20.76
CA ASP C 224 27.45 7.55 -21.37
C ASP C 224 27.22 7.44 -22.87
N SER C 225 26.86 8.56 -23.48
CA SER C 225 26.61 8.56 -24.90
C SER C 225 27.84 8.27 -25.74
N LYS C 226 29.01 8.16 -25.11
CA LYS C 226 30.25 7.89 -25.83
C LYS C 226 30.66 6.41 -25.82
N ASP C 227 30.15 5.65 -24.85
CA ASP C 227 30.51 4.23 -24.76
C ASP C 227 29.42 3.22 -25.04
N VAL C 228 28.17 3.62 -24.90
CA VAL C 228 27.08 2.66 -25.09
C VAL C 228 26.84 2.25 -26.52
N LYS C 229 26.67 0.95 -26.68
CA LYS C 229 26.38 0.35 -27.96
C LYS C 229 25.06 -0.40 -27.68
N ILE C 230 24.14 -0.39 -28.65
CA ILE C 230 22.85 -1.02 -28.45
C ILE C 230 22.73 -2.21 -29.36
N GLU C 231 22.06 -3.24 -28.86
CA GLU C 231 21.80 -4.43 -29.69
C GLU C 231 20.36 -4.89 -29.48
N VAL C 232 19.68 -5.12 -30.60
CA VAL C 232 18.30 -5.59 -30.57
C VAL C 232 18.28 -6.97 -31.17
N TYR C 233 17.70 -7.91 -30.44
CA TYR C 233 17.62 -9.31 -30.87
C TYR C 233 16.16 -9.70 -31.01
N LEU C 234 15.78 -10.08 -32.22
CA LEU C 234 14.40 -10.52 -32.43
C LEU C 234 14.31 -11.90 -33.04
N THR C 235 13.18 -12.55 -32.80
CA THR C 235 12.94 -13.89 -33.31
C THR C 235 11.57 -13.89 -33.96
N THR C 236 11.56 -13.91 -35.30
CA THR C 236 10.29 -13.91 -36.01
C THR C 236 9.51 -15.15 -35.63
N LYS C 237 8.20 -15.01 -35.59
CA LYS C 237 7.36 -16.15 -35.26
C LYS C 237 7.40 -17.07 -36.48
N LYS C 238 7.96 -18.24 -36.26
CA LYS C 238 8.10 -19.26 -37.30
C LYS C 238 6.79 -20.02 -37.53
N ARG D 3 -14.61 -3.86 -5.60
CA ARG D 3 -14.81 -2.60 -6.29
C ARG D 3 -14.49 -1.48 -5.25
#